data_2DVI
#
_entry.id   2DVI
#
_cell.length_a   58.004
_cell.length_b   58.004
_cell.length_c   431.498
_cell.angle_alpha   90.00
_cell.angle_beta   90.00
_cell.angle_gamma   90.00
#
_symmetry.space_group_name_H-M   'P 43 21 2'
#
loop_
_entity.id
_entity.type
_entity.pdbx_description
1 polymer 'tRNA (34-MER)'
2 polymer 'CCA-adding enzyme'
3 non-polymer 'SULFATE ION'
4 non-polymer 'MAGNESIUM ION'
5 non-polymer "CYTIDINE-5'-TRIPHOSPHATE"
6 water water
#
loop_
_entity_poly.entity_id
_entity_poly.type
_entity_poly.pdbx_seq_one_letter_code
_entity_poly.pdbx_strand_id
1 'polyribonucleotide' GGCCCGGGGCGGUUCGAUUCCGCCCUGGGCCACC B
2 'polypeptide(L)'
;MKVEEILEKALELVIPDEEEVRKGREAEEELRRRLDELGVEYVFVGSYARNTWLKGSLEIDVFLLFPEEFSKEELRERGL
EIGKAVLDSYEIRYAEHPYVHGVVKGVEVDVVPCYKLKEPKNIKSAVDRTPFHHKWLEGRIKGKENEVRLLKGFLKANGI
YGAEYKVRGFSGYLCELLIVFYGSFLETVKNARRWTRRTVIDVAKGEVRKGEEFFVVDPVDEKRNVAANLSLDNLARFVH
LCREFMEAPSLGFFKPKHPLEIEPERLRKIVEERGTAVFAVKFRKPDIVDDNLYPQLERASRKIFEFLERENFMPLRSAF
KASEEFCYLLFECQIKEISRVFRRMGPQFEDERNVKKFLSRNRAFRPFIENGRWWAFEMRKFTTPEEGVRSYASTHWHTL
GKNVGESIREYFEIISGEKLFKEPVTAELCEMMGVKD
;
A
#
loop_
_chem_comp.id
_chem_comp.type
_chem_comp.name
_chem_comp.formula
A RNA linking ADENOSINE-5'-MONOPHOSPHATE 'C10 H14 N5 O7 P'
C RNA linking CYTIDINE-5'-MONOPHOSPHATE 'C9 H14 N3 O8 P'
CTP non-polymer CYTIDINE-5'-TRIPHOSPHATE 'C9 H16 N3 O14 P3'
G RNA linking GUANOSINE-5'-MONOPHOSPHATE 'C10 H14 N5 O8 P'
MG non-polymer 'MAGNESIUM ION' 'Mg 2'
SO4 non-polymer 'SULFATE ION' 'O4 S -2'
U RNA linking URIDINE-5'-MONOPHOSPHATE 'C9 H13 N2 O9 P'
#
# COMPACT_ATOMS: atom_id res chain seq x y z
N VAL B 3 -26.50 -16.37 -3.41
CA VAL B 3 -25.77 -15.36 -4.21
C VAL B 3 -26.73 -14.41 -4.90
N GLU B 4 -27.38 -14.90 -5.95
CA GLU B 4 -28.35 -14.13 -6.72
C GLU B 4 -29.02 -13.06 -5.86
N GLU B 5 -29.56 -13.49 -4.71
CA GLU B 5 -30.25 -12.60 -3.80
C GLU B 5 -29.25 -11.65 -3.13
N ILE B 6 -28.18 -12.21 -2.57
CA ILE B 6 -27.16 -11.42 -1.89
C ILE B 6 -26.64 -10.26 -2.74
N LEU B 7 -26.40 -10.53 -4.01
CA LEU B 7 -25.92 -9.50 -4.92
C LEU B 7 -26.97 -8.41 -5.18
N GLU B 8 -28.24 -8.78 -5.09
CA GLU B 8 -29.29 -7.81 -5.30
C GLU B 8 -29.26 -6.81 -4.16
N LYS B 9 -29.16 -7.33 -2.93
CA LYS B 9 -29.10 -6.46 -1.75
C LYS B 9 -27.81 -5.66 -1.77
N ALA B 10 -26.75 -6.28 -2.30
CA ALA B 10 -25.44 -5.64 -2.38
C ALA B 10 -25.46 -4.37 -3.22
N LEU B 11 -26.29 -4.37 -4.26
CA LEU B 11 -26.41 -3.20 -5.15
C LEU B 11 -26.84 -1.96 -4.37
N GLU B 12 -27.56 -2.17 -3.27
CA GLU B 12 -28.03 -1.05 -2.46
C GLU B 12 -26.91 -0.39 -1.67
N LEU B 13 -25.77 -1.05 -1.56
CA LEU B 13 -24.63 -0.51 -0.85
C LEU B 13 -23.54 0.06 -1.77
N VAL B 14 -23.59 -0.30 -3.04
CA VAL B 14 -22.58 0.16 -4.00
C VAL B 14 -23.08 1.15 -5.02
N ILE B 15 -24.36 1.08 -5.35
CA ILE B 15 -24.94 2.00 -6.34
C ILE B 15 -25.39 3.32 -5.73
N PRO B 16 -24.92 4.45 -6.28
CA PRO B 16 -25.29 5.77 -5.78
C PRO B 16 -26.78 6.05 -5.94
N ASP B 17 -27.36 6.72 -4.94
CA ASP B 17 -28.78 7.08 -4.99
C ASP B 17 -28.98 8.25 -5.94
N GLU B 18 -30.23 8.52 -6.27
CA GLU B 18 -30.57 9.60 -7.19
C GLU B 18 -30.14 10.98 -6.70
N GLU B 19 -30.00 11.15 -5.39
CA GLU B 19 -29.59 12.43 -4.83
C GLU B 19 -28.09 12.69 -5.02
N GLU B 20 -27.29 11.63 -4.89
CA GLU B 20 -25.84 11.76 -5.05
C GLU B 20 -25.49 11.94 -6.53
N VAL B 21 -26.26 11.29 -7.40
CA VAL B 21 -26.02 11.39 -8.83
C VAL B 21 -26.28 12.83 -9.29
N ARG B 22 -27.41 13.38 -8.83
CA ARG B 22 -27.81 14.74 -9.17
C ARG B 22 -26.73 15.71 -8.72
N LYS B 23 -26.27 15.51 -7.49
CA LYS B 23 -25.23 16.34 -6.91
C LYS B 23 -23.99 16.30 -7.80
N GLY B 24 -23.67 15.12 -8.31
CA GLY B 24 -22.52 14.96 -9.18
C GLY B 24 -22.73 15.61 -10.54
N ARG B 25 -23.95 15.55 -11.06
CA ARG B 25 -24.29 16.15 -12.35
C ARG B 25 -24.26 17.67 -12.24
N GLU B 26 -24.81 18.17 -11.13
CA GLU B 26 -24.88 19.59 -10.83
C GLU B 26 -23.47 20.17 -10.75
N ALA B 27 -22.55 19.40 -10.19
CA ALA B 27 -21.15 19.82 -10.04
C ALA B 27 -20.45 19.72 -11.38
N GLU B 28 -20.82 18.72 -12.16
CA GLU B 28 -20.24 18.52 -13.47
C GLU B 28 -20.51 19.74 -14.35
N GLU B 29 -21.78 20.11 -14.46
CA GLU B 29 -22.18 21.25 -15.27
C GLU B 29 -21.44 22.51 -14.85
N GLU B 30 -21.30 22.70 -13.54
CA GLU B 30 -20.61 23.87 -13.00
C GLU B 30 -19.15 23.91 -13.44
N LEU B 31 -18.48 22.76 -13.42
CA LEU B 31 -17.08 22.69 -13.86
C LEU B 31 -16.95 23.11 -15.31
N ARG B 32 -17.84 22.61 -16.15
CA ARG B 32 -17.81 22.96 -17.58
C ARG B 32 -18.01 24.45 -17.76
N ARG B 33 -19.00 25.00 -17.08
CA ARG B 33 -19.27 26.43 -17.17
C ARG B 33 -18.07 27.29 -16.74
N ARG B 34 -17.37 26.87 -15.69
CA ARG B 34 -16.21 27.62 -15.21
C ARG B 34 -15.03 27.49 -16.16
N LEU B 35 -14.84 26.28 -16.69
CA LEU B 35 -13.75 26.01 -17.61
C LEU B 35 -13.99 26.59 -18.99
N ASP B 36 -15.25 26.68 -19.42
CA ASP B 36 -15.56 27.25 -20.73
C ASP B 36 -15.29 28.74 -20.70
N GLU B 37 -15.57 29.38 -19.57
CA GLU B 37 -15.34 30.81 -19.40
C GLU B 37 -13.84 31.09 -19.56
N LEU B 38 -12.99 30.13 -19.20
CA LEU B 38 -11.55 30.29 -19.34
C LEU B 38 -11.12 29.86 -20.75
N GLY B 39 -12.02 29.18 -21.44
CA GLY B 39 -11.71 28.73 -22.79
C GLY B 39 -10.57 27.72 -22.81
N VAL B 40 -10.60 26.82 -21.83
CA VAL B 40 -9.59 25.78 -21.70
C VAL B 40 -10.01 24.48 -22.40
N GLU B 41 -9.03 23.67 -22.77
CA GLU B 41 -9.31 22.38 -23.40
C GLU B 41 -9.23 21.33 -22.29
N TYR B 42 -10.34 20.63 -22.06
CA TYR B 42 -10.41 19.64 -21.01
C TYR B 42 -11.24 18.42 -21.44
N VAL B 43 -11.14 17.34 -20.66
CA VAL B 43 -11.89 16.13 -20.90
C VAL B 43 -12.19 15.44 -19.58
N PHE B 44 -13.40 14.91 -19.42
CA PHE B 44 -13.76 14.22 -18.20
C PHE B 44 -13.38 12.75 -18.35
N VAL B 45 -12.77 12.18 -17.32
CA VAL B 45 -12.38 10.78 -17.37
C VAL B 45 -12.64 10.15 -16.00
N GLY B 46 -12.16 8.93 -15.81
CA GLY B 46 -12.35 8.25 -14.54
C GLY B 46 -13.75 7.66 -14.30
N SER B 47 -13.94 7.16 -13.07
CA SER B 47 -15.21 6.55 -12.69
C SER B 47 -16.41 7.49 -12.80
N TYR B 48 -16.21 8.78 -12.62
CA TYR B 48 -17.35 9.69 -12.75
C TYR B 48 -17.79 9.70 -14.20
N ALA B 49 -16.85 9.80 -15.12
CA ALA B 49 -17.15 9.84 -16.55
C ALA B 49 -17.79 8.54 -17.06
N ARG B 50 -17.41 7.40 -16.51
CA ARG B 50 -17.95 6.11 -16.95
C ARG B 50 -19.09 5.62 -16.05
N ASN B 51 -19.48 6.44 -15.09
CA ASN B 51 -20.54 6.07 -14.15
C ASN B 51 -20.24 4.74 -13.47
N THR B 52 -19.03 4.63 -12.93
CA THR B 52 -18.63 3.40 -12.26
C THR B 52 -18.11 3.70 -10.86
N TRP B 53 -18.31 4.93 -10.40
CA TRP B 53 -17.85 5.33 -9.08
C TRP B 53 -18.70 4.67 -8.01
N LEU B 54 -18.07 4.31 -6.90
CA LEU B 54 -18.70 3.63 -5.79
C LEU B 54 -19.46 4.58 -4.88
N LYS B 55 -20.68 4.18 -4.50
CA LYS B 55 -21.53 4.99 -3.63
C LYS B 55 -20.78 5.58 -2.44
N GLY B 56 -20.79 6.90 -2.33
CA GLY B 56 -20.11 7.56 -1.24
C GLY B 56 -18.65 7.85 -1.53
N SER B 57 -18.21 7.59 -2.76
CA SER B 57 -16.82 7.83 -3.16
C SER B 57 -16.75 8.65 -4.45
N LEU B 58 -17.68 9.58 -4.61
CA LEU B 58 -17.72 10.41 -5.80
C LEU B 58 -16.55 11.38 -5.85
N GLU B 59 -15.75 11.27 -6.90
CA GLU B 59 -14.60 12.14 -7.08
C GLU B 59 -14.41 12.34 -8.57
N ILE B 60 -14.73 13.54 -9.04
CA ILE B 60 -14.63 13.87 -10.45
C ILE B 60 -13.19 14.14 -10.91
N ASP B 61 -12.84 13.60 -12.07
CA ASP B 61 -11.52 13.79 -12.64
C ASP B 61 -11.66 14.60 -13.91
N VAL B 62 -11.04 15.78 -13.93
CA VAL B 62 -11.04 16.64 -15.10
C VAL B 62 -9.59 16.74 -15.58
N PHE B 63 -9.38 16.45 -16.86
CA PHE B 63 -8.05 16.50 -17.43
C PHE B 63 -7.88 17.68 -18.37
N LEU B 64 -6.80 18.42 -18.16
CA LEU B 64 -6.47 19.59 -18.97
C LEU B 64 -5.50 19.14 -20.06
N LEU B 65 -5.93 19.24 -21.32
CA LEU B 65 -5.08 18.83 -22.44
C LEU B 65 -4.12 19.89 -22.96
N PHE B 66 -2.83 19.56 -22.93
CA PHE B 66 -1.76 20.46 -23.38
C PHE B 66 -0.97 19.86 -24.55
N PRO B 67 -0.47 20.72 -25.45
CA PRO B 67 0.31 20.27 -26.61
C PRO B 67 1.58 19.61 -26.09
N GLU B 68 2.03 18.52 -26.70
CA GLU B 68 3.23 17.87 -26.18
C GLU B 68 4.51 18.69 -26.21
N GLU B 69 4.56 19.76 -26.98
CA GLU B 69 5.78 20.58 -27.02
C GLU B 69 6.01 21.29 -25.69
N PHE B 70 4.92 21.56 -24.96
CA PHE B 70 5.02 22.23 -23.68
C PHE B 70 5.96 21.57 -22.68
N SER B 71 6.62 22.42 -21.89
CA SER B 71 7.55 22.01 -20.87
C SER B 71 6.77 21.40 -19.70
N LYS B 72 7.40 20.51 -18.94
CA LYS B 72 6.72 19.91 -17.80
C LYS B 72 6.48 21.00 -16.76
N GLU B 73 7.38 21.98 -16.71
CA GLU B 73 7.26 23.08 -15.77
C GLU B 73 6.05 23.92 -16.13
N GLU B 74 5.84 24.10 -17.44
CA GLU B 74 4.70 24.86 -17.92
C GLU B 74 3.41 24.15 -17.54
N LEU B 75 3.37 22.84 -17.71
CA LEU B 75 2.17 22.07 -17.37
C LEU B 75 1.85 22.27 -15.90
N ARG B 76 2.89 22.25 -15.07
CA ARG B 76 2.71 22.44 -13.64
C ARG B 76 2.18 23.83 -13.30
N GLU B 77 2.77 24.86 -13.89
CA GLU B 77 2.37 26.23 -13.62
C GLU B 77 0.98 26.57 -14.16
N ARG B 78 0.74 26.27 -15.44
CA ARG B 78 -0.56 26.54 -16.04
C ARG B 78 -1.63 25.65 -15.42
N GLY B 79 -1.31 24.39 -15.22
CA GLY B 79 -2.25 23.46 -14.62
C GLY B 79 -2.75 23.91 -13.27
N LEU B 80 -1.83 24.22 -12.36
CA LEU B 80 -2.23 24.67 -11.03
C LEU B 80 -2.93 26.02 -11.12
N GLU B 81 -2.58 26.81 -12.12
CA GLU B 81 -3.20 28.12 -12.32
C GLU B 81 -4.70 27.94 -12.60
N ILE B 82 -5.00 27.06 -13.54
CA ILE B 82 -6.36 26.75 -13.94
C ILE B 82 -7.13 26.01 -12.85
N GLY B 83 -6.48 25.07 -12.20
CA GLY B 83 -7.12 24.33 -11.13
C GLY B 83 -7.60 25.23 -10.02
N LYS B 84 -6.73 26.12 -9.56
CA LYS B 84 -7.07 27.04 -8.48
C LYS B 84 -8.19 28.04 -8.81
N ALA B 85 -8.23 28.48 -10.05
CA ALA B 85 -9.22 29.44 -10.49
C ALA B 85 -10.60 28.84 -10.70
N VAL B 86 -10.68 27.52 -10.70
CA VAL B 86 -11.91 26.80 -10.96
C VAL B 86 -12.58 26.06 -9.79
N LEU B 87 -11.88 25.98 -8.66
CA LEU B 87 -12.42 25.28 -7.51
C LEU B 87 -12.91 26.24 -6.41
N ASP B 88 -13.87 25.79 -5.61
CA ASP B 88 -14.39 26.62 -4.52
C ASP B 88 -13.29 26.80 -3.48
N SER B 89 -12.60 25.70 -3.17
CA SER B 89 -11.50 25.70 -2.23
C SER B 89 -10.59 24.60 -2.73
N TYR B 90 -9.29 24.73 -2.52
CA TYR B 90 -8.35 23.75 -3.01
C TYR B 90 -7.19 23.44 -2.08
N GLU B 91 -6.49 22.37 -2.40
CA GLU B 91 -5.31 21.91 -1.66
C GLU B 91 -4.38 21.40 -2.73
N ILE B 92 -3.08 21.60 -2.55
CA ILE B 92 -2.09 21.12 -3.52
C ILE B 92 -1.07 20.28 -2.77
N ARG B 93 -1.08 18.98 -3.02
CA ARG B 93 -0.18 18.08 -2.33
C ARG B 93 0.00 16.80 -3.15
N TYR B 94 1.11 16.69 -3.87
CA TYR B 94 1.38 15.52 -4.71
C TYR B 94 2.82 15.04 -4.55
N ALA B 95 3.13 13.86 -5.09
CA ALA B 95 4.49 13.31 -5.01
C ALA B 95 5.35 13.60 -6.23
N GLU B 96 4.78 13.49 -7.44
CA GLU B 96 5.53 13.74 -8.66
C GLU B 96 4.68 14.52 -9.67
N HIS B 97 3.68 13.86 -10.25
CA HIS B 97 2.82 14.54 -11.21
C HIS B 97 1.94 15.56 -10.49
N PRO B 98 1.95 16.82 -10.93
CA PRO B 98 1.16 17.89 -10.30
C PRO B 98 -0.32 17.91 -10.66
N TYR B 99 -1.13 18.39 -9.73
CA TYR B 99 -2.58 18.51 -9.92
C TYR B 99 -3.18 19.25 -8.73
N VAL B 100 -4.42 19.71 -8.89
CA VAL B 100 -5.10 20.43 -7.84
C VAL B 100 -6.32 19.66 -7.32
N HIS B 101 -6.47 19.59 -6.01
CA HIS B 101 -7.61 18.91 -5.42
C HIS B 101 -8.57 19.93 -4.81
N GLY B 102 -9.86 19.76 -5.03
CA GLY B 102 -10.79 20.72 -4.50
C GLY B 102 -12.23 20.26 -4.46
N VAL B 103 -13.13 21.23 -4.34
CA VAL B 103 -14.56 20.98 -4.28
C VAL B 103 -15.32 21.95 -5.16
N VAL B 104 -16.37 21.45 -5.79
CA VAL B 104 -17.21 22.30 -6.62
C VAL B 104 -18.62 21.89 -6.26
N LYS B 105 -19.35 22.80 -5.63
CA LYS B 105 -20.71 22.55 -5.20
C LYS B 105 -20.82 21.32 -4.32
N GLY B 106 -19.88 21.18 -3.38
CA GLY B 106 -19.89 20.06 -2.45
C GLY B 106 -19.32 18.74 -2.93
N VAL B 107 -18.68 18.74 -4.09
CA VAL B 107 -18.13 17.50 -4.62
C VAL B 107 -16.61 17.57 -4.80
N GLU B 108 -15.96 16.47 -4.44
CA GLU B 108 -14.51 16.34 -4.57
C GLU B 108 -14.14 16.39 -6.06
N VAL B 109 -13.12 17.15 -6.39
CA VAL B 109 -12.68 17.25 -7.78
C VAL B 109 -11.15 17.26 -7.94
N ASP B 110 -10.65 16.52 -8.93
CA ASP B 110 -9.23 16.51 -9.20
C ASP B 110 -9.00 17.14 -10.57
N VAL B 111 -8.36 18.31 -10.59
CA VAL B 111 -8.06 18.98 -11.86
C VAL B 111 -6.64 18.55 -12.20
N VAL B 112 -6.52 17.70 -13.21
CA VAL B 112 -5.22 17.16 -13.60
C VAL B 112 -4.71 17.58 -14.98
N PRO B 113 -3.46 18.07 -15.06
CA PRO B 113 -2.84 18.49 -16.32
C PRO B 113 -2.21 17.28 -17.01
N CYS B 114 -2.22 17.23 -18.33
CA CYS B 114 -1.60 16.13 -19.07
C CYS B 114 -1.40 16.48 -20.54
N TYR B 115 -0.44 15.79 -21.16
CA TYR B 115 -0.16 16.03 -22.57
C TYR B 115 -1.12 15.28 -23.48
N LYS B 116 -1.81 16.02 -24.34
CA LYS B 116 -2.74 15.38 -25.24
C LYS B 116 -1.90 14.80 -26.37
N LEU B 117 -1.83 13.48 -26.40
CA LEU B 117 -1.05 12.75 -27.39
C LEU B 117 -1.93 11.93 -28.32
N LYS B 118 -1.25 11.13 -29.13
CA LYS B 118 -1.83 10.19 -30.07
C LYS B 118 -0.92 9.00 -29.80
N GLU B 119 -1.48 7.80 -29.65
CA GLU B 119 -0.66 6.63 -29.35
C GLU B 119 -0.05 6.78 -27.94
N PRO B 120 -0.52 5.97 -26.99
CA PRO B 120 0.00 6.02 -25.61
C PRO B 120 1.31 5.28 -25.43
N LYS B 121 1.98 4.93 -26.53
CA LYS B 121 3.24 4.21 -26.47
C LYS B 121 4.29 4.86 -25.58
N ASN B 122 4.75 6.05 -25.95
CA ASN B 122 5.75 6.75 -25.15
C ASN B 122 5.09 7.92 -24.42
N ILE B 123 4.80 7.71 -23.14
CA ILE B 123 4.17 8.70 -22.29
C ILE B 123 5.18 9.76 -21.88
N LYS B 124 4.73 11.01 -21.77
CA LYS B 124 5.63 12.11 -21.38
C LYS B 124 5.43 12.55 -19.93
N SER B 125 4.19 12.46 -19.46
CA SER B 125 3.86 12.79 -18.09
C SER B 125 3.29 11.48 -17.57
N ALA B 126 3.40 11.26 -16.26
CA ALA B 126 2.93 10.02 -15.64
C ALA B 126 1.47 9.64 -15.94
N VAL B 127 0.62 10.64 -16.22
CA VAL B 127 -0.80 10.37 -16.45
C VAL B 127 -1.31 10.42 -17.89
N ASP B 128 -0.42 10.38 -18.88
CA ASP B 128 -0.89 10.50 -20.27
C ASP B 128 -1.73 9.35 -20.81
N ARG B 129 -1.67 8.19 -20.17
CA ARG B 129 -2.46 7.06 -20.63
C ARG B 129 -3.94 7.23 -20.31
N THR B 130 -4.22 7.88 -19.19
CA THR B 130 -5.58 8.03 -18.72
C THR B 130 -6.66 8.37 -19.75
N PRO B 131 -6.46 9.41 -20.57
CA PRO B 131 -7.51 9.70 -21.55
C PRO B 131 -7.74 8.53 -22.50
N PHE B 132 -6.69 7.76 -22.79
CA PHE B 132 -6.79 6.62 -23.68
C PHE B 132 -7.48 5.44 -23.02
N HIS B 133 -7.38 5.36 -21.69
CA HIS B 133 -8.04 4.29 -20.95
C HIS B 133 -9.51 4.58 -21.03
N HIS B 134 -9.83 5.87 -21.03
CA HIS B 134 -11.21 6.29 -21.08
C HIS B 134 -11.89 5.92 -22.37
N LYS B 135 -11.22 6.17 -23.50
CA LYS B 135 -11.80 5.86 -24.80
C LYS B 135 -11.97 4.37 -25.00
N TRP B 136 -11.01 3.60 -24.52
CA TRP B 136 -11.06 2.14 -24.67
C TRP B 136 -12.22 1.54 -23.90
N LEU B 137 -12.44 2.07 -22.70
CA LEU B 137 -13.50 1.59 -21.81
C LEU B 137 -14.90 2.09 -22.17
N GLU B 138 -15.03 3.36 -22.52
CA GLU B 138 -16.33 3.97 -22.83
C GLU B 138 -17.34 3.07 -23.52
N GLY B 139 -16.92 2.45 -24.62
CA GLY B 139 -17.81 1.58 -25.36
C GLY B 139 -17.93 0.15 -24.88
N ARG B 140 -17.02 -0.29 -24.02
CA ARG B 140 -17.05 -1.67 -23.53
C ARG B 140 -17.70 -1.86 -22.16
N ILE B 141 -17.57 -0.86 -21.29
CA ILE B 141 -18.13 -0.96 -19.94
C ILE B 141 -19.60 -0.49 -19.87
N LYS B 142 -20.08 0.14 -20.94
CA LYS B 142 -21.46 0.64 -21.01
C LYS B 142 -22.45 -0.52 -20.79
N GLY B 143 -23.23 -0.44 -19.72
CA GLY B 143 -24.19 -1.50 -19.42
C GLY B 143 -23.77 -2.41 -18.28
N LYS B 144 -22.47 -2.46 -17.99
CA LYS B 144 -21.95 -3.32 -16.93
C LYS B 144 -21.37 -2.53 -15.75
N GLU B 145 -21.75 -1.26 -15.61
CA GLU B 145 -21.21 -0.46 -14.52
C GLU B 145 -21.63 -0.91 -13.12
N ASN B 146 -22.78 -1.57 -12.98
CA ASN B 146 -23.17 -2.05 -11.65
C ASN B 146 -22.24 -3.20 -11.26
N GLU B 147 -21.78 -3.96 -12.25
CA GLU B 147 -20.88 -5.08 -11.98
C GLU B 147 -19.56 -4.54 -11.42
N VAL B 148 -19.04 -3.48 -12.03
CA VAL B 148 -17.80 -2.87 -11.57
C VAL B 148 -17.99 -2.40 -10.12
N ARG B 149 -19.15 -1.80 -9.84
CA ARG B 149 -19.42 -1.32 -8.50
C ARG B 149 -19.44 -2.43 -7.45
N LEU B 150 -20.00 -3.59 -7.79
CA LEU B 150 -20.01 -4.69 -6.82
C LEU B 150 -18.55 -5.02 -6.53
N LEU B 151 -17.75 -5.16 -7.58
CA LEU B 151 -16.33 -5.49 -7.45
C LEU B 151 -15.57 -4.47 -6.61
N LYS B 152 -15.84 -3.18 -6.83
CA LYS B 152 -15.18 -2.13 -6.07
C LYS B 152 -15.66 -2.17 -4.61
N GLY B 153 -16.96 -2.34 -4.42
CA GLY B 153 -17.50 -2.37 -3.07
C GLY B 153 -16.95 -3.54 -2.26
N PHE B 154 -16.69 -4.63 -2.96
CA PHE B 154 -16.17 -5.85 -2.38
C PHE B 154 -14.73 -5.65 -1.90
N LEU B 155 -13.91 -5.07 -2.77
CA LEU B 155 -12.50 -4.83 -2.46
C LEU B 155 -12.33 -3.75 -1.41
N LYS B 156 -13.22 -2.77 -1.45
CA LYS B 156 -13.19 -1.66 -0.50
C LYS B 156 -13.55 -2.15 0.90
N ALA B 157 -14.65 -2.89 1.01
CA ALA B 157 -15.11 -3.40 2.29
C ALA B 157 -14.10 -4.35 2.95
N ASN B 158 -13.15 -4.84 2.16
CA ASN B 158 -12.15 -5.77 2.68
C ASN B 158 -10.73 -5.25 2.71
N GLY B 159 -10.58 -3.93 2.59
CA GLY B 159 -9.27 -3.30 2.66
C GLY B 159 -8.26 -3.42 1.52
N ILE B 160 -8.69 -3.88 0.35
CA ILE B 160 -7.75 -4.00 -0.75
C ILE B 160 -8.13 -3.23 -2.00
N TYR B 161 -8.95 -2.20 -1.83
CA TYR B 161 -9.37 -1.44 -3.00
C TYR B 161 -8.34 -0.48 -3.60
N GLY B 162 -7.74 0.40 -2.82
CA GLY B 162 -6.78 1.28 -3.47
C GLY B 162 -5.48 0.69 -4.04
N ALA B 163 -4.98 1.31 -5.11
CA ALA B 163 -3.71 0.86 -5.70
C ALA B 163 -2.54 1.68 -5.11
N GLU B 164 -2.85 2.74 -4.38
CA GLU B 164 -1.81 3.58 -3.78
C GLU B 164 -1.02 2.77 -2.74
N TYR B 165 0.21 3.21 -2.46
CA TYR B 165 1.07 2.49 -1.52
C TYR B 165 0.51 2.19 -0.12
N LYS B 166 -0.38 3.02 0.37
CA LYS B 166 -0.94 2.76 1.69
C LYS B 166 -1.77 1.48 1.65
N VAL B 167 -2.25 1.12 0.47
CA VAL B 167 -3.09 -0.06 0.30
C VAL B 167 -2.42 -1.21 -0.43
N ARG B 168 -1.84 -0.93 -1.60
CA ARG B 168 -1.22 -1.94 -2.44
C ARG B 168 -2.29 -2.95 -2.85
N GLY B 169 -3.41 -2.43 -3.35
CA GLY B 169 -4.52 -3.26 -3.75
C GLY B 169 -4.89 -3.09 -5.21
N PHE B 170 -6.19 -3.18 -5.49
CA PHE B 170 -6.72 -3.08 -6.85
C PHE B 170 -7.19 -1.69 -7.26
N SER B 171 -6.59 -1.09 -8.28
CA SER B 171 -7.04 0.22 -8.72
C SER B 171 -8.42 0.13 -9.39
N GLY B 172 -9.12 1.25 -9.46
CA GLY B 172 -10.43 1.28 -10.06
C GLY B 172 -10.42 0.82 -11.51
N TYR B 173 -9.42 1.27 -12.25
CA TYR B 173 -9.25 0.92 -13.65
C TYR B 173 -9.06 -0.60 -13.80
N LEU B 174 -8.33 -1.20 -12.88
CA LEU B 174 -8.11 -2.64 -12.92
C LEU B 174 -9.46 -3.36 -12.72
N CYS B 175 -10.30 -2.82 -11.85
CA CYS B 175 -11.60 -3.42 -11.60
C CYS B 175 -12.43 -3.43 -12.88
N GLU B 176 -12.35 -2.34 -13.64
CA GLU B 176 -13.10 -2.22 -14.88
C GLU B 176 -12.60 -3.17 -15.96
N LEU B 177 -11.29 -3.42 -16.00
CA LEU B 177 -10.73 -4.33 -17.00
C LEU B 177 -11.18 -5.75 -16.67
N LEU B 178 -11.23 -6.06 -15.37
CA LEU B 178 -11.65 -7.39 -14.96
C LEU B 178 -13.10 -7.64 -15.36
N ILE B 179 -13.95 -6.63 -15.18
CA ILE B 179 -15.36 -6.78 -15.55
C ILE B 179 -15.51 -6.94 -17.06
N VAL B 180 -14.68 -6.24 -17.82
CA VAL B 180 -14.72 -6.32 -19.27
C VAL B 180 -14.23 -7.69 -19.73
N PHE B 181 -13.27 -8.25 -19.00
CA PHE B 181 -12.69 -9.55 -19.33
C PHE B 181 -13.59 -10.74 -18.98
N TYR B 182 -14.12 -10.77 -17.75
CA TYR B 182 -14.95 -11.86 -17.29
C TYR B 182 -16.46 -11.66 -17.52
N GLY B 183 -16.88 -10.40 -17.67
CA GLY B 183 -18.28 -10.14 -17.93
C GLY B 183 -19.14 -9.74 -16.74
N SER B 184 -18.75 -10.13 -15.54
CA SER B 184 -19.56 -9.78 -14.37
C SER B 184 -18.80 -9.97 -13.06
N PHE B 185 -19.31 -9.34 -12.01
CA PHE B 185 -18.70 -9.48 -10.69
C PHE B 185 -18.57 -10.94 -10.29
N LEU B 186 -19.66 -11.68 -10.47
CA LEU B 186 -19.70 -13.10 -10.10
C LEU B 186 -18.72 -13.96 -10.89
N GLU B 187 -18.55 -13.69 -12.17
CA GLU B 187 -17.62 -14.47 -13.00
C GLU B 187 -16.18 -14.17 -12.61
N THR B 188 -15.94 -12.91 -12.26
CA THR B 188 -14.61 -12.49 -11.83
C THR B 188 -14.27 -13.25 -10.55
N VAL B 189 -15.17 -13.21 -9.59
CA VAL B 189 -14.95 -13.89 -8.33
C VAL B 189 -14.81 -15.40 -8.50
N LYS B 190 -15.59 -15.98 -9.40
CA LYS B 190 -15.49 -17.42 -9.60
C LYS B 190 -14.11 -17.86 -10.10
N ASN B 191 -13.60 -17.15 -11.10
CA ASN B 191 -12.29 -17.46 -11.68
C ASN B 191 -11.10 -17.04 -10.84
N ALA B 192 -11.23 -15.94 -10.10
CA ALA B 192 -10.13 -15.45 -9.26
C ALA B 192 -9.70 -16.50 -8.25
N ARG B 193 -10.62 -17.40 -7.92
CA ARG B 193 -10.29 -18.48 -7.00
C ARG B 193 -9.14 -19.34 -7.55
N ARG B 194 -8.97 -19.32 -8.87
CA ARG B 194 -7.92 -20.11 -9.50
C ARG B 194 -6.70 -19.31 -9.95
N TRP B 195 -6.64 -18.04 -9.57
CA TRP B 195 -5.49 -17.21 -9.91
C TRP B 195 -4.30 -17.67 -9.09
N THR B 196 -3.10 -17.40 -9.61
CA THR B 196 -1.89 -17.76 -8.91
C THR B 196 -0.97 -16.55 -8.94
N ARG B 197 0.17 -16.64 -8.26
CA ARG B 197 1.11 -15.53 -8.24
C ARG B 197 1.82 -15.36 -9.57
N ARG B 198 1.48 -16.20 -10.54
CA ARG B 198 2.10 -16.12 -11.87
C ARG B 198 1.06 -16.01 -12.98
N THR B 199 -0.18 -15.71 -12.59
CA THR B 199 -1.26 -15.55 -13.56
C THR B 199 -1.11 -14.25 -14.35
N VAL B 200 -1.26 -14.35 -15.67
CA VAL B 200 -1.17 -13.20 -16.56
C VAL B 200 -2.52 -13.05 -17.27
N ILE B 201 -3.15 -11.90 -17.13
CA ILE B 201 -4.43 -11.63 -17.76
C ILE B 201 -4.25 -10.60 -18.87
N ASP B 202 -4.36 -11.05 -20.12
CA ASP B 202 -4.22 -10.17 -21.26
C ASP B 202 -5.60 -9.80 -21.82
N VAL B 203 -6.17 -8.70 -21.30
CA VAL B 203 -7.50 -8.26 -21.70
C VAL B 203 -7.73 -8.10 -23.21
N ALA B 204 -6.77 -7.51 -23.90
CA ALA B 204 -6.90 -7.28 -25.34
C ALA B 204 -6.88 -8.57 -26.16
N LYS B 205 -6.16 -9.57 -25.67
CA LYS B 205 -6.08 -10.86 -26.35
C LYS B 205 -7.16 -11.82 -25.88
N GLY B 206 -7.91 -11.41 -24.85
CA GLY B 206 -8.96 -12.26 -24.30
C GLY B 206 -8.37 -13.58 -23.83
N GLU B 207 -7.19 -13.50 -23.24
CA GLU B 207 -6.47 -14.69 -22.80
C GLU B 207 -5.85 -14.60 -21.41
N VAL B 208 -5.70 -15.75 -20.79
CA VAL B 208 -5.07 -15.88 -19.46
C VAL B 208 -3.95 -16.89 -19.63
N ARG B 209 -2.72 -16.46 -19.39
CA ARG B 209 -1.57 -17.35 -19.51
C ARG B 209 -0.68 -17.33 -18.27
N LYS B 210 0.35 -18.16 -18.26
CA LYS B 210 1.27 -18.25 -17.14
C LYS B 210 2.47 -17.35 -17.40
N GLY B 211 2.92 -16.63 -16.38
CA GLY B 211 4.06 -15.73 -16.53
C GLY B 211 4.99 -15.74 -15.33
N GLU B 212 5.83 -14.71 -15.24
CA GLU B 212 6.79 -14.59 -14.14
C GLU B 212 6.23 -13.92 -12.89
N GLU B 213 5.07 -13.27 -13.02
CA GLU B 213 4.44 -12.59 -11.89
C GLU B 213 3.01 -12.21 -12.26
N PHE B 214 2.18 -11.92 -11.26
CA PHE B 214 0.78 -11.54 -11.53
C PHE B 214 0.86 -10.30 -12.41
N PHE B 215 0.30 -10.42 -13.62
CA PHE B 215 0.38 -9.35 -14.60
C PHE B 215 -0.93 -9.15 -15.36
N VAL B 216 -1.46 -7.93 -15.34
CA VAL B 216 -2.71 -7.61 -16.06
C VAL B 216 -2.36 -6.59 -17.13
N VAL B 217 -2.16 -7.08 -18.34
CA VAL B 217 -1.78 -6.27 -19.49
C VAL B 217 -2.79 -5.18 -19.83
N ASP B 218 -2.29 -3.96 -19.98
CA ASP B 218 -3.11 -2.80 -20.31
C ASP B 218 -3.49 -2.92 -21.79
N PRO B 219 -4.77 -2.73 -22.12
CA PRO B 219 -5.22 -2.83 -23.52
C PRO B 219 -4.58 -1.70 -24.33
N VAL B 220 -4.26 -0.64 -23.62
CA VAL B 220 -3.68 0.56 -24.21
C VAL B 220 -2.17 0.51 -24.37
N ASP B 221 -1.50 -0.32 -23.56
CA ASP B 221 -0.06 -0.46 -23.61
C ASP B 221 0.36 -1.81 -23.05
N GLU B 222 0.75 -2.73 -23.92
CA GLU B 222 1.17 -4.08 -23.53
C GLU B 222 2.32 -4.16 -22.52
N LYS B 223 3.11 -3.10 -22.40
CA LYS B 223 4.22 -3.13 -21.45
C LYS B 223 3.76 -2.70 -20.04
N ARG B 224 2.56 -2.17 -19.94
CA ARG B 224 2.01 -1.70 -18.68
C ARG B 224 1.27 -2.78 -17.89
N ASN B 225 1.74 -3.06 -16.68
CA ASN B 225 1.07 -4.04 -15.82
C ASN B 225 0.11 -3.22 -14.96
N VAL B 226 -1.18 -3.26 -15.29
CA VAL B 226 -2.17 -2.50 -14.56
C VAL B 226 -2.19 -2.85 -13.07
N ALA B 227 -1.77 -4.05 -12.74
CA ALA B 227 -1.73 -4.50 -11.34
C ALA B 227 -0.32 -4.51 -10.75
N ALA B 228 0.53 -3.61 -11.24
CA ALA B 228 1.91 -3.52 -10.78
C ALA B 228 2.13 -3.33 -9.29
N ASN B 229 1.30 -2.53 -8.64
CA ASN B 229 1.48 -2.28 -7.23
C ASN B 229 0.61 -3.11 -6.29
N LEU B 230 0.05 -4.19 -6.83
CA LEU B 230 -0.80 -5.09 -6.07
C LEU B 230 0.18 -6.05 -5.41
N SER B 231 0.22 -6.07 -4.09
CA SER B 231 1.16 -6.95 -3.40
C SER B 231 0.71 -8.39 -3.43
N LEU B 232 1.67 -9.31 -3.32
CA LEU B 232 1.37 -10.73 -3.31
C LEU B 232 0.37 -11.09 -2.21
N ASP B 233 0.54 -10.50 -1.03
CA ASP B 233 -0.33 -10.81 0.07
C ASP B 233 -1.76 -10.30 -0.13
N ASN B 234 -1.91 -9.18 -0.84
CA ASN B 234 -3.25 -8.68 -1.11
C ASN B 234 -3.89 -9.51 -2.24
N LEU B 235 -3.07 -10.00 -3.16
CA LEU B 235 -3.57 -10.84 -4.23
C LEU B 235 -4.10 -12.13 -3.57
N ALA B 236 -3.33 -12.61 -2.59
CA ALA B 236 -3.69 -13.83 -1.85
C ALA B 236 -4.94 -13.64 -1.02
N ARG B 237 -5.09 -12.46 -0.41
CA ARG B 237 -6.29 -12.20 0.40
C ARG B 237 -7.54 -12.18 -0.47
N PHE B 238 -7.42 -11.59 -1.65
CA PHE B 238 -8.52 -11.52 -2.59
C PHE B 238 -8.94 -12.93 -3.03
N VAL B 239 -7.97 -13.70 -3.49
CA VAL B 239 -8.23 -15.06 -3.93
C VAL B 239 -8.89 -15.86 -2.81
N HIS B 240 -8.38 -15.70 -1.59
CA HIS B 240 -8.95 -16.43 -0.46
C HIS B 240 -10.33 -15.92 -0.12
N LEU B 241 -10.56 -14.63 -0.34
CA LEU B 241 -11.87 -14.04 -0.08
C LEU B 241 -12.88 -14.56 -1.08
N CYS B 242 -12.45 -14.72 -2.33
CA CYS B 242 -13.33 -15.21 -3.38
C CYS B 242 -13.78 -16.64 -3.10
N ARG B 243 -12.89 -17.46 -2.58
CA ARG B 243 -13.20 -18.85 -2.27
C ARG B 243 -14.21 -18.91 -1.13
N GLU B 244 -14.07 -18.01 -0.17
CA GLU B 244 -14.97 -17.98 0.98
C GLU B 244 -16.35 -17.48 0.57
N PHE B 245 -16.38 -16.41 -0.21
CA PHE B 245 -17.64 -15.86 -0.65
C PHE B 245 -18.47 -16.87 -1.42
N MET B 246 -17.81 -17.64 -2.28
CA MET B 246 -18.51 -18.65 -3.06
C MET B 246 -19.04 -19.76 -2.16
N GLU B 247 -18.22 -20.15 -1.21
CA GLU B 247 -18.53 -21.19 -0.25
C GLU B 247 -19.69 -20.77 0.67
N ALA B 248 -19.65 -19.53 1.16
CA ALA B 248 -20.69 -19.03 2.06
C ALA B 248 -21.07 -17.58 1.75
N PRO B 249 -21.80 -17.36 0.65
CA PRO B 249 -22.27 -16.05 0.15
C PRO B 249 -22.97 -15.20 1.18
N SER B 250 -22.26 -14.25 1.77
CA SER B 250 -22.83 -13.37 2.78
C SER B 250 -22.81 -11.91 2.35
N LEU B 251 -23.70 -11.10 2.91
CA LEU B 251 -23.75 -9.68 2.59
C LEU B 251 -22.71 -8.97 3.42
N GLY B 252 -22.18 -9.69 4.41
CA GLY B 252 -21.15 -9.12 5.28
C GLY B 252 -19.87 -8.85 4.52
N PHE B 253 -19.74 -9.45 3.33
CA PHE B 253 -18.56 -9.26 2.50
C PHE B 253 -18.52 -7.88 1.84
N PHE B 254 -19.63 -7.15 1.91
CA PHE B 254 -19.70 -5.80 1.33
C PHE B 254 -19.83 -4.75 2.43
N LYS B 255 -19.93 -5.19 3.67
CA LYS B 255 -20.03 -4.25 4.78
C LYS B 255 -18.64 -4.06 5.34
N PRO B 256 -18.25 -2.81 5.61
CA PRO B 256 -16.91 -2.58 6.16
C PRO B 256 -16.82 -3.25 7.52
N LYS B 257 -15.68 -3.88 7.79
CA LYS B 257 -15.47 -4.58 9.06
C LYS B 257 -15.51 -3.64 10.26
N ILE B 262 -11.23 -2.13 21.11
CA ILE B 262 -10.92 -3.21 22.04
C ILE B 262 -10.30 -2.64 23.32
N GLU B 263 -10.50 -3.36 24.43
CA GLU B 263 -9.95 -2.94 25.71
C GLU B 263 -8.44 -2.97 25.71
N PRO B 264 -7.81 -1.85 26.12
CA PRO B 264 -6.35 -1.79 26.16
C PRO B 264 -5.82 -2.68 27.28
N GLU B 265 -6.70 -2.99 28.23
CA GLU B 265 -6.35 -3.86 29.35
C GLU B 265 -6.40 -5.32 28.92
N ARG B 266 -7.26 -5.65 27.96
CA ARG B 266 -7.35 -7.02 27.49
C ARG B 266 -6.08 -7.32 26.69
N LEU B 267 -5.69 -6.37 25.87
CA LEU B 267 -4.48 -6.49 25.05
C LEU B 267 -3.26 -6.76 25.93
N ARG B 268 -3.24 -6.20 27.13
CA ARG B 268 -2.12 -6.40 28.05
C ARG B 268 -2.06 -7.85 28.51
N LYS B 269 -3.22 -8.41 28.84
CA LYS B 269 -3.33 -9.80 29.28
C LYS B 269 -2.88 -10.75 28.19
N ILE B 270 -3.28 -10.45 26.95
CA ILE B 270 -2.92 -11.28 25.81
C ILE B 270 -1.40 -11.33 25.62
N VAL B 271 -0.76 -10.16 25.65
CA VAL B 271 0.70 -10.08 25.47
C VAL B 271 1.41 -10.82 26.60
N GLU B 272 0.84 -10.73 27.80
CA GLU B 272 1.38 -11.39 28.98
C GLU B 272 1.32 -12.91 28.79
N GLU B 273 0.22 -13.37 28.20
CA GLU B 273 0.00 -14.80 27.94
C GLU B 273 0.88 -15.34 26.81
N ARG B 274 1.20 -14.48 25.84
CA ARG B 274 2.03 -14.87 24.71
C ARG B 274 3.49 -14.99 25.12
N GLY B 275 3.87 -14.23 26.15
CA GLY B 275 5.23 -14.26 26.66
C GLY B 275 6.26 -13.62 25.75
N THR B 276 5.80 -12.82 24.82
CA THR B 276 6.69 -12.17 23.86
C THR B 276 7.23 -10.80 24.25
N ALA B 277 8.13 -10.31 23.42
CA ALA B 277 8.73 -8.99 23.59
C ALA B 277 8.02 -8.09 22.58
N VAL B 278 7.18 -7.18 23.08
CA VAL B 278 6.44 -6.26 22.22
C VAL B 278 6.87 -4.83 22.48
N PHE B 279 7.42 -4.18 21.47
CA PHE B 279 7.86 -2.81 21.63
C PHE B 279 7.65 -2.01 20.36
N ALA B 280 7.84 -0.69 20.46
CA ALA B 280 7.65 0.15 19.30
C ALA B 280 8.72 1.21 19.23
N VAL B 281 9.04 1.60 18.01
CA VAL B 281 10.01 2.66 17.79
C VAL B 281 9.13 3.84 17.39
N LYS B 282 9.14 4.89 18.22
CA LYS B 282 8.34 6.08 18.00
C LYS B 282 9.19 7.27 17.55
N PHE B 283 8.72 7.98 16.54
CA PHE B 283 9.41 9.15 16.03
C PHE B 283 8.40 10.10 15.39
N ARG B 284 8.80 11.35 15.21
CA ARG B 284 7.90 12.32 14.60
C ARG B 284 7.70 12.02 13.12
N LYS B 285 6.45 12.16 12.68
CA LYS B 285 6.10 11.91 11.31
C LYS B 285 6.58 12.99 10.37
N PRO B 286 7.31 12.61 9.30
CA PRO B 286 7.82 13.57 8.32
C PRO B 286 6.61 14.23 7.65
N ASP B 287 6.72 15.52 7.36
CA ASP B 287 5.63 16.21 6.70
C ASP B 287 5.75 15.98 5.19
N ILE B 288 5.28 14.82 4.76
CA ILE B 288 5.33 14.43 3.36
C ILE B 288 4.14 13.58 2.96
N VAL B 289 3.93 13.49 1.65
CA VAL B 289 2.83 12.74 1.03
C VAL B 289 2.80 11.27 1.46
N ASP B 290 1.60 10.72 1.60
CA ASP B 290 1.41 9.30 1.99
C ASP B 290 2.19 8.39 1.04
N ASP B 291 2.23 8.79 -0.23
CA ASP B 291 2.89 8.00 -1.24
C ASP B 291 4.40 7.96 -1.08
N ASN B 292 4.96 8.86 -0.28
CA ASN B 292 6.39 8.86 -0.02
C ASN B 292 6.65 8.26 1.36
N LEU B 293 5.77 8.58 2.31
CA LEU B 293 5.90 8.11 3.68
C LEU B 293 5.87 6.59 3.83
N TYR B 294 4.83 5.95 3.31
CA TYR B 294 4.67 4.51 3.45
C TYR B 294 5.76 3.60 2.91
N PRO B 295 6.28 3.87 1.71
CA PRO B 295 7.34 2.96 1.27
C PRO B 295 8.55 3.03 2.22
N GLN B 296 8.68 4.16 2.92
CA GLN B 296 9.78 4.37 3.85
C GLN B 296 9.55 3.63 5.17
N LEU B 297 8.31 3.66 5.65
CA LEU B 297 7.97 2.97 6.88
C LEU B 297 8.11 1.46 6.63
N GLU B 298 7.81 1.03 5.40
CA GLU B 298 7.96 -0.38 5.04
C GLU B 298 9.43 -0.79 5.03
N ARG B 299 10.30 0.10 4.53
CA ARG B 299 11.72 -0.18 4.50
C ARG B 299 12.26 -0.18 5.93
N ALA B 300 11.93 0.87 6.67
CA ALA B 300 12.38 1.02 8.04
C ALA B 300 11.96 -0.19 8.87
N SER B 301 10.70 -0.57 8.72
CA SER B 301 10.13 -1.70 9.45
C SER B 301 10.86 -2.99 9.07
N ARG B 302 11.12 -3.19 7.78
CA ARG B 302 11.81 -4.38 7.29
C ARG B 302 13.29 -4.44 7.70
N LYS B 303 13.97 -3.29 7.64
CA LYS B 303 15.38 -3.21 8.00
C LYS B 303 15.65 -3.57 9.45
N ILE B 304 14.77 -3.11 10.33
CA ILE B 304 14.90 -3.39 11.76
C ILE B 304 14.54 -4.86 12.03
N PHE B 305 13.52 -5.35 11.33
CA PHE B 305 13.07 -6.74 11.48
C PHE B 305 14.19 -7.71 11.09
N GLU B 306 14.93 -7.38 10.03
CA GLU B 306 16.03 -8.25 9.58
C GLU B 306 17.17 -8.16 10.60
N PHE B 307 17.36 -6.98 11.18
CA PHE B 307 18.38 -6.83 12.18
C PHE B 307 18.06 -7.74 13.36
N LEU B 308 16.80 -7.73 13.80
CA LEU B 308 16.37 -8.57 14.92
C LEU B 308 16.52 -10.06 14.61
N GLU B 309 16.38 -10.44 13.34
CA GLU B 309 16.52 -11.85 13.02
C GLU B 309 17.98 -12.29 13.07
N ARG B 310 18.90 -11.52 12.49
CA ARG B 310 20.30 -11.94 12.55
C ARG B 310 20.90 -11.81 13.96
N GLU B 311 20.24 -11.06 14.84
CA GLU B 311 20.73 -10.95 16.21
C GLU B 311 20.06 -11.99 17.09
N ASN B 312 19.32 -12.90 16.46
CA ASN B 312 18.65 -14.00 17.14
C ASN B 312 17.55 -13.70 18.15
N PHE B 313 16.84 -12.58 17.97
CA PHE B 313 15.77 -12.27 18.91
C PHE B 313 14.46 -12.94 18.48
N MET B 314 14.53 -13.68 17.37
CA MET B 314 13.40 -14.43 16.83
C MET B 314 12.12 -13.62 16.66
N PRO B 315 12.16 -12.61 15.79
CA PRO B 315 11.03 -11.72 15.50
C PRO B 315 9.82 -12.50 14.93
N LEU B 316 8.63 -12.16 15.41
CA LEU B 316 7.42 -12.82 14.92
C LEU B 316 6.88 -11.98 13.76
N ARG B 317 6.38 -10.79 14.07
CA ARG B 317 5.87 -9.91 13.03
C ARG B 317 6.20 -8.46 13.31
N SER B 318 6.01 -7.64 12.29
CA SER B 318 6.24 -6.21 12.40
C SER B 318 5.03 -5.54 11.77
N ALA B 319 4.85 -4.26 12.08
CA ALA B 319 3.75 -3.48 11.52
C ALA B 319 4.11 -2.03 11.75
N PHE B 320 3.24 -1.12 11.31
CA PHE B 320 3.48 0.29 11.49
C PHE B 320 2.21 1.14 11.44
N LYS B 321 2.21 2.21 12.22
CA LYS B 321 1.06 3.10 12.30
C LYS B 321 1.57 4.52 12.11
N ALA B 322 0.80 5.32 11.38
CA ALA B 322 1.19 6.70 11.15
C ALA B 322 0.04 7.62 11.48
N SER B 323 0.06 8.21 12.67
CA SER B 323 -1.00 9.16 13.04
C SER B 323 -0.56 10.49 12.43
N GLU B 324 -1.23 11.59 12.79
CA GLU B 324 -0.84 12.89 12.22
C GLU B 324 0.38 13.47 12.90
N GLU B 325 0.64 12.99 14.10
CA GLU B 325 1.75 13.48 14.90
C GLU B 325 3.00 12.62 14.70
N PHE B 326 2.88 11.36 15.11
CA PHE B 326 3.99 10.42 15.05
C PHE B 326 3.76 9.23 14.16
N CYS B 327 4.82 8.42 14.09
CA CYS B 327 4.85 7.19 13.32
C CYS B 327 5.31 6.13 14.30
N TYR B 328 4.85 4.91 14.09
CA TYR B 328 5.25 3.83 14.96
C TYR B 328 5.62 2.61 14.15
N LEU B 329 6.74 1.99 14.53
CA LEU B 329 7.19 0.77 13.89
C LEU B 329 7.03 -0.24 15.03
N LEU B 330 6.17 -1.24 14.82
CA LEU B 330 5.88 -2.25 15.84
C LEU B 330 6.62 -3.58 15.68
N PHE B 331 6.97 -4.20 16.80
CA PHE B 331 7.69 -5.47 16.77
C PHE B 331 7.30 -6.40 17.91
N GLU B 332 7.40 -7.70 17.64
CA GLU B 332 7.11 -8.73 18.60
C GLU B 332 8.19 -9.79 18.39
N CYS B 333 8.87 -10.17 19.47
CA CYS B 333 9.92 -11.16 19.41
C CYS B 333 9.69 -12.24 20.44
N GLN B 334 10.18 -13.45 20.16
CA GLN B 334 10.00 -14.55 21.09
C GLN B 334 11.02 -14.43 22.21
N ILE B 335 12.15 -13.79 21.92
CA ILE B 335 13.21 -13.64 22.89
C ILE B 335 13.18 -12.27 23.56
N LYS B 336 12.91 -12.25 24.86
CA LYS B 336 12.87 -10.99 25.59
C LYS B 336 14.24 -10.68 26.15
N GLU B 337 15.08 -11.72 26.21
CA GLU B 337 16.42 -11.59 26.76
C GLU B 337 17.27 -12.82 26.39
N ILE B 338 18.45 -12.57 25.83
CA ILE B 338 19.36 -13.64 25.45
C ILE B 338 20.64 -13.51 26.27
N SER B 339 21.41 -14.59 26.35
CA SER B 339 22.65 -14.59 27.12
C SER B 339 23.71 -13.64 26.53
N ARG B 340 24.67 -13.26 27.36
CA ARG B 340 25.73 -12.37 26.92
C ARG B 340 26.69 -13.10 26.00
N VAL B 341 26.96 -14.38 26.29
CA VAL B 341 27.86 -15.17 25.45
C VAL B 341 27.14 -15.88 24.31
N PHE B 342 27.92 -16.20 23.28
CA PHE B 342 27.44 -16.93 22.12
C PHE B 342 28.69 -17.56 21.54
N ARG B 343 28.55 -18.48 20.61
CA ARG B 343 29.73 -19.13 20.03
C ARG B 343 29.99 -18.76 18.58
N ARG B 344 31.20 -18.28 18.30
CA ARG B 344 31.57 -17.93 16.93
C ARG B 344 32.35 -19.09 16.32
N MET B 345 31.94 -19.49 15.12
CA MET B 345 32.60 -20.58 14.44
C MET B 345 34.00 -20.18 13.98
N GLY B 346 34.95 -21.08 14.17
CA GLY B 346 36.32 -20.84 13.77
C GLY B 346 36.73 -21.78 12.65
N PRO B 347 38.00 -21.78 12.23
CA PRO B 347 38.50 -22.64 11.16
C PRO B 347 38.67 -24.12 11.54
N GLN B 348 38.91 -24.97 10.55
CA GLN B 348 39.13 -26.38 10.81
C GLN B 348 40.56 -26.50 11.36
N PHE B 349 40.77 -27.40 12.32
CA PHE B 349 42.09 -27.59 12.93
C PHE B 349 43.21 -27.81 11.92
N GLU B 350 42.82 -28.24 10.72
CA GLU B 350 43.75 -28.52 9.63
C GLU B 350 44.70 -27.35 9.28
N ASP B 351 44.16 -26.25 8.79
CA ASP B 351 45.04 -25.14 8.41
C ASP B 351 45.40 -24.30 9.62
N GLU B 352 46.65 -24.43 10.04
CA GLU B 352 47.15 -23.72 11.21
C GLU B 352 47.27 -22.22 11.06
N ARG B 353 47.51 -21.76 9.84
CA ARG B 353 47.64 -20.32 9.62
C ARG B 353 46.44 -19.57 10.19
N ASN B 354 45.24 -19.97 9.78
CA ASN B 354 44.03 -19.31 10.28
C ASN B 354 43.73 -19.62 11.73
N VAL B 355 44.07 -20.83 12.16
CA VAL B 355 43.86 -21.21 13.55
C VAL B 355 44.67 -20.27 14.42
N LYS B 356 45.91 -20.00 13.99
CA LYS B 356 46.78 -19.10 14.74
C LYS B 356 46.17 -17.70 14.84
N LYS B 357 45.69 -17.19 13.72
CA LYS B 357 45.06 -15.87 13.72
C LYS B 357 43.84 -15.89 14.61
N PHE B 358 43.06 -16.97 14.53
CA PHE B 358 41.86 -17.10 15.34
C PHE B 358 42.15 -17.08 16.84
N LEU B 359 43.18 -17.80 17.26
CA LEU B 359 43.53 -17.88 18.67
C LEU B 359 44.31 -16.69 19.22
N SER B 360 44.92 -15.90 18.34
CA SER B 360 45.70 -14.74 18.78
C SER B 360 44.77 -13.63 19.24
N ARG B 361 43.50 -13.76 18.90
CA ARG B 361 42.48 -12.78 19.25
C ARG B 361 42.28 -12.72 20.77
N ASN B 362 42.33 -11.51 21.32
CA ASN B 362 42.14 -11.30 22.75
C ASN B 362 40.70 -11.71 23.07
N ARG B 363 40.53 -12.74 23.89
CA ARG B 363 39.20 -13.23 24.23
C ARG B 363 39.08 -13.49 25.73
N ALA B 364 37.86 -13.52 26.24
CA ALA B 364 37.66 -13.73 27.67
C ALA B 364 37.51 -15.18 28.13
N PHE B 365 37.23 -16.11 27.22
CA PHE B 365 37.05 -17.49 27.65
C PHE B 365 37.91 -18.62 27.10
N ARG B 366 38.71 -18.40 26.08
CA ARG B 366 39.53 -19.52 25.56
C ARG B 366 38.70 -20.45 24.68
N PRO B 367 39.05 -20.51 23.39
CA PRO B 367 38.37 -21.35 22.41
C PRO B 367 38.57 -22.86 22.59
N PHE B 368 37.60 -23.63 22.13
CA PHE B 368 37.64 -25.07 22.24
C PHE B 368 37.51 -25.70 20.85
N ILE B 369 37.71 -27.01 20.79
CA ILE B 369 37.57 -27.77 19.55
C ILE B 369 36.32 -28.62 19.66
N GLU B 370 35.56 -28.69 18.56
CA GLU B 370 34.33 -29.46 18.49
C GLU B 370 34.11 -29.87 17.05
N ASN B 371 34.16 -31.17 16.81
CA ASN B 371 33.95 -31.75 15.47
C ASN B 371 34.99 -31.39 14.42
N GLY B 372 36.25 -31.24 14.85
CA GLY B 372 37.30 -30.93 13.91
C GLY B 372 37.53 -29.47 13.64
N ARG B 373 36.78 -28.60 14.31
CA ARG B 373 36.99 -27.18 14.09
C ARG B 373 36.97 -26.37 15.37
N TRP B 374 37.64 -25.23 15.33
CA TRP B 374 37.72 -24.36 16.50
C TRP B 374 36.45 -23.54 16.65
N TRP B 375 36.14 -23.20 17.89
CA TRP B 375 34.98 -22.38 18.23
C TRP B 375 35.40 -21.48 19.36
N ALA B 376 34.77 -20.32 19.47
CA ALA B 376 35.12 -19.42 20.55
C ALA B 376 33.87 -18.76 21.11
N PHE B 377 33.88 -18.54 22.42
CA PHE B 377 32.78 -17.88 23.10
C PHE B 377 33.04 -16.38 23.01
N GLU B 378 32.09 -15.66 22.42
CA GLU B 378 32.20 -14.22 22.27
C GLU B 378 31.10 -13.56 23.09
N MET B 379 31.23 -12.26 23.34
CA MET B 379 30.23 -11.53 24.13
C MET B 379 29.40 -10.60 23.24
N ARG B 380 28.10 -10.55 23.50
CA ARG B 380 27.20 -9.68 22.76
C ARG B 380 27.31 -8.27 23.32
N LYS B 381 26.85 -7.28 22.56
CA LYS B 381 26.89 -5.90 23.03
C LYS B 381 25.53 -5.53 23.63
N PHE B 382 24.53 -6.37 23.40
CA PHE B 382 23.19 -6.16 23.96
C PHE B 382 22.45 -7.48 24.15
N THR B 383 21.69 -7.56 25.24
CA THR B 383 20.96 -8.78 25.56
C THR B 383 19.44 -8.70 25.42
N THR B 384 18.90 -7.57 25.00
CA THR B 384 17.45 -7.47 24.82
C THR B 384 17.13 -6.86 23.46
N PRO B 385 15.97 -7.19 22.90
CA PRO B 385 15.54 -6.69 21.59
C PRO B 385 15.54 -5.16 21.55
N GLU B 386 15.02 -4.55 22.62
CA GLU B 386 14.95 -3.10 22.74
C GLU B 386 16.33 -2.47 22.78
N GLU B 387 17.27 -3.10 23.48
CA GLU B 387 18.63 -2.58 23.56
C GLU B 387 19.29 -2.55 22.21
N GLY B 388 19.11 -3.64 21.44
CA GLY B 388 19.71 -3.72 20.12
C GLY B 388 19.11 -2.73 19.13
N VAL B 389 17.78 -2.60 19.15
CA VAL B 389 17.13 -1.67 18.24
C VAL B 389 17.53 -0.23 18.58
N ARG B 390 17.68 0.07 19.87
CA ARG B 390 18.07 1.42 20.26
C ARG B 390 19.41 1.72 19.63
N SER B 391 20.27 0.71 19.62
CA SER B 391 21.60 0.84 19.06
C SER B 391 21.57 0.92 17.54
N TYR B 392 20.80 0.02 16.94
CA TYR B 392 20.67 -0.04 15.49
C TYR B 392 20.12 1.29 14.94
N ALA B 393 18.95 1.69 15.45
CA ALA B 393 18.31 2.92 14.99
C ALA B 393 19.15 4.17 15.21
N SER B 394 20.10 4.13 16.14
CA SER B 394 20.93 5.31 16.40
C SER B 394 22.09 5.45 15.43
N THR B 395 22.66 4.33 15.00
CA THR B 395 23.80 4.35 14.10
C THR B 395 23.45 4.08 12.65
N HIS B 396 22.33 3.41 12.40
CA HIS B 396 21.94 3.12 11.02
C HIS B 396 20.69 3.83 10.55
N TRP B 397 20.37 4.97 11.17
CA TRP B 397 19.20 5.74 10.79
C TRP B 397 19.22 6.10 9.31
N HIS B 398 20.42 6.29 8.75
CA HIS B 398 20.50 6.66 7.35
C HIS B 398 19.94 5.64 6.39
N THR B 399 19.91 4.37 6.82
CA THR B 399 19.41 3.32 5.95
C THR B 399 17.93 3.03 6.19
N LEU B 400 17.26 3.88 6.97
CA LEU B 400 15.86 3.67 7.30
C LEU B 400 14.91 4.55 6.48
N GLY B 401 15.29 4.88 5.25
CA GLY B 401 14.44 5.73 4.44
C GLY B 401 14.92 7.17 4.54
N LYS B 402 14.88 7.85 3.40
CA LYS B 402 15.32 9.23 3.30
C LYS B 402 14.73 10.16 4.36
N ASN B 403 13.41 10.21 4.46
CA ASN B 403 12.76 11.10 5.41
C ASN B 403 12.54 10.48 6.78
N VAL B 404 12.09 9.22 6.80
CA VAL B 404 11.88 8.53 8.06
C VAL B 404 13.21 8.39 8.80
N GLY B 405 14.28 8.21 8.05
CA GLY B 405 15.59 8.05 8.64
C GLY B 405 16.18 9.30 9.25
N GLU B 406 15.94 10.45 8.62
CA GLU B 406 16.46 11.72 9.12
C GLU B 406 15.66 12.14 10.36
N SER B 407 14.38 11.78 10.39
CA SER B 407 13.51 12.10 11.51
C SER B 407 13.94 11.29 12.74
N ILE B 408 14.26 10.02 12.51
CA ILE B 408 14.71 9.13 13.58
C ILE B 408 16.07 9.60 14.07
N ARG B 409 16.83 10.25 13.18
CA ARG B 409 18.13 10.80 13.54
C ARG B 409 17.93 11.90 14.57
N GLU B 410 17.00 12.81 14.31
CA GLU B 410 16.75 13.92 15.23
C GLU B 410 15.96 13.55 16.49
N TYR B 411 15.32 12.39 16.48
CA TYR B 411 14.57 11.92 17.65
C TYR B 411 13.77 10.64 17.46
N PHE B 412 13.88 9.75 18.44
CA PHE B 412 13.14 8.50 18.45
C PHE B 412 13.25 7.89 19.85
N GLU B 413 12.31 7.03 20.18
CA GLU B 413 12.35 6.38 21.48
C GLU B 413 11.71 5.00 21.36
N ILE B 414 12.07 4.13 22.30
CA ILE B 414 11.52 2.79 22.32
C ILE B 414 10.47 2.72 23.42
N ILE B 415 9.22 2.58 23.02
CA ILE B 415 8.11 2.47 23.96
C ILE B 415 7.81 0.98 24.15
N SER B 416 7.86 0.54 25.41
CA SER B 416 7.63 -0.86 25.75
C SER B 416 6.59 -1.02 26.86
N GLY B 417 6.43 -2.25 27.33
CA GLY B 417 5.49 -2.53 28.41
C GLY B 417 4.21 -1.72 28.56
N GLU B 418 3.92 -1.32 29.80
CA GLU B 418 2.71 -0.57 30.13
C GLU B 418 2.42 0.67 29.28
N LYS B 419 3.42 1.53 29.16
CA LYS B 419 3.28 2.79 28.44
C LYS B 419 2.92 2.66 26.96
N LEU B 420 3.24 1.51 26.37
CA LEU B 420 2.96 1.26 24.96
C LEU B 420 1.48 1.12 24.63
N PHE B 421 0.70 0.59 25.57
CA PHE B 421 -0.73 0.41 25.31
C PHE B 421 -1.53 1.71 25.38
N LYS B 422 -0.86 2.79 25.77
CA LYS B 422 -1.52 4.10 25.86
C LYS B 422 -1.41 4.85 24.54
N GLU B 423 -0.57 4.34 23.64
CA GLU B 423 -0.37 4.97 22.32
C GLU B 423 -1.44 4.52 21.32
N PRO B 424 -1.60 5.24 20.21
CA PRO B 424 -2.55 4.97 19.14
C PRO B 424 -2.21 3.75 18.28
N VAL B 425 -1.66 2.72 18.91
CA VAL B 425 -1.25 1.52 18.18
C VAL B 425 -1.96 0.24 18.60
N THR B 426 -2.90 0.34 19.52
CA THR B 426 -3.62 -0.84 20.00
C THR B 426 -4.31 -1.64 18.91
N ALA B 427 -4.94 -0.97 17.97
CA ALA B 427 -5.63 -1.67 16.88
C ALA B 427 -4.61 -2.45 16.04
N GLU B 428 -3.50 -1.79 15.71
CA GLU B 428 -2.44 -2.40 14.91
C GLU B 428 -1.83 -3.64 15.56
N LEU B 429 -1.64 -3.59 16.88
CA LEU B 429 -1.08 -4.71 17.62
C LEU B 429 -1.98 -5.93 17.60
N CYS B 430 -3.28 -5.69 17.81
CA CYS B 430 -4.26 -6.76 17.81
C CYS B 430 -4.24 -7.47 16.47
N GLU B 431 -4.22 -6.69 15.40
CA GLU B 431 -4.20 -7.23 14.06
C GLU B 431 -2.92 -8.05 13.86
N MET B 432 -1.81 -7.47 14.29
CA MET B 432 -0.49 -8.10 14.18
C MET B 432 -0.38 -9.41 14.97
N MET B 433 -1.05 -9.49 16.10
CA MET B 433 -1.00 -10.68 16.96
C MET B 433 -2.10 -11.71 16.68
N GLY B 434 -2.99 -11.38 15.75
CA GLY B 434 -4.06 -12.28 15.42
C GLY B 434 -5.11 -12.37 16.52
N VAL B 435 -5.25 -11.35 17.33
CA VAL B 435 -6.26 -11.40 18.39
C VAL B 435 -7.60 -11.46 17.66
N LYS B 436 -8.42 -12.46 17.98
CA LYS B 436 -9.70 -12.61 17.32
C LYS B 436 -10.92 -12.35 18.20
N ASP B 437 -12.08 -12.24 17.53
CA ASP B 437 -13.38 -12.01 18.14
C ASP B 437 -14.27 -11.18 17.20
S SO4 C . 18.86 -3.05 1.29
O1 SO4 C . 17.59 -2.30 0.92
O2 SO4 C . 18.43 -4.23 2.15
O3 SO4 C . 19.42 -3.58 0.09
O4 SO4 C . 19.56 -2.17 2.16
MG MG D . -11.89 9.62 -8.95
N1 CTP E . -5.02 5.40 -13.15
C2 CTP E . -4.23 4.29 -13.47
N3 CTP E . -3.48 3.71 -12.51
C4 CTP E . -3.49 4.20 -11.27
C5 CTP E . -4.28 5.33 -10.91
C6 CTP E . -5.03 5.89 -11.88
O2 CTP E . -4.25 3.86 -14.63
N4 CTP E . -2.72 3.60 -10.34
C1' CTP E . -5.83 6.03 -14.21
C2' CTP E . -6.96 5.14 -14.74
O2' CTP E . -7.15 5.37 -16.12
C3' CTP E . -8.13 5.62 -13.90
C4' CTP E . -7.87 7.11 -13.80
O4' CTP E . -6.41 7.21 -13.69
O3' CTP E . -9.38 5.37 -14.53
C5' CTP E . -8.49 7.79 -12.60
O5' CTP E . -8.14 7.08 -11.42
PA CTP E . -8.68 7.53 -10.00
O1A CTP E . -9.33 8.87 -10.14
O2A CTP E . -7.56 7.36 -9.03
O3A CTP E . -9.79 6.46 -9.62
PB CTP E . -10.96 6.05 -10.64
O1B CTP E . -10.35 5.13 -11.62
O2B CTP E . -11.66 7.27 -11.12
O3B CTP E . -11.98 5.19 -9.73
PG CTP E . -12.47 5.69 -8.28
O1G CTP E . -12.44 7.17 -8.23
O2G CTP E . -13.75 4.99 -7.97
O3G CTP E . -11.35 5.18 -7.29
#